data_6F6I
#
_entry.id   6F6I
#
_cell.length_a   113.680
_cell.length_b   113.680
_cell.length_c   306.260
_cell.angle_alpha   90.00
_cell.angle_beta   90.00
_cell.angle_gamma   120.00
#
_symmetry.space_group_name_H-M   'H 3 2'
#
loop_
_entity.id
_entity.type
_entity.pdbx_description
1 polymer 'Envelope glycoprotein,GP,GP1'
2 polymer 'Envelope glycoprotein'
3 branched alpha-D-mannopyranose-(1-6)-beta-D-mannopyranose-(1-4)-2-acetamido-2-deoxy-beta-D-glucopyranose-(1-4)-2-acetamido-2-deoxy-beta-D-glucopyranose
4 non-polymer 2-acetamido-2-deoxy-beta-D-glucopyranose
5 non-polymer 'DIMETHYL SULFOXIDE'
6 non-polymer GLYCEROL
7 non-polymer Paroxetine
8 water water
#
loop_
_entity_poly.entity_id
_entity_poly.type
_entity_poly.pdbx_seq_one_letter_code
_entity_poly.pdbx_strand_id
1 'polypeptide(L)'
;ETGRSIPLGVIHNSALQVSDVDKLVCRDKLSSTNQLRSVGLNLEGNGVATDVPSATKRWGFRSGVPPKVVNYEAGEWAEN
CYNLEIKKPDGSECLPAAPDGIRGFPRCRYVHKVSGTGPCAGDFAFHKEGAFFLYDRLASTVIYRGTTFAEGVVAFLILP
QAKKDFFSSHPLREPVNATEDPSSGYYSTTIRYQATGFGTNETEYLFEVDNLTYVQLESRFTPQFLLQLNETIYTSGKRS
NTTGKLIWKVNPEIDTTIGEWAFWETKKNLTRKIRSEELSFTVVSTHHQDTGEESASSGKLGLITNTIAGVAGLITGGRR
TRR(UNK)(UNK)(UNK)(UNK)(UNK)(UNK)(UNK)
;
A
2 'polypeptide(L)'
;EAIVNAQPKCNPNLHYWTTQDEGAAIGLAWIPYFGPAAEGIYIEGLMHNQDGLICGLRQLANETTQALQLFLRATTELRT
FSILNRKAIDFLLQRWGGTCHILGPDCCIEPADWTKNITDKIDQIIHDFVDGSGYIPEAPRDGQAYVRKDGEWVLLSTFL
GTHHHHHH
;
B
#
loop_
_chem_comp.id
_chem_comp.type
_chem_comp.name
_chem_comp.formula
8PR non-polymer Paroxetine 'C19 H20 F N O3'
BMA D-saccharide, beta linking beta-D-mannopyranose 'C6 H12 O6'
DMS non-polymer 'DIMETHYL SULFOXIDE' 'C2 H6 O S'
GOL non-polymer GLYCEROL 'C3 H8 O3'
MAN D-saccharide, alpha linking alpha-D-mannopyranose 'C6 H12 O6'
NAG D-saccharide, beta linking 2-acetamido-2-deoxy-beta-D-glucopyranose 'C8 H15 N O6'
#
# COMPACT_ATOMS: atom_id res chain seq x y z
N ARG A 4 -2.84 -19.26 -12.19
CA ARG A 4 -3.09 -18.11 -11.32
C ARG A 4 -1.89 -17.18 -11.26
N SER A 5 -1.44 -16.73 -12.43
CA SER A 5 -0.30 -15.82 -12.49
C SER A 5 -0.69 -14.45 -11.94
N ILE A 6 0.32 -13.61 -11.75
CA ILE A 6 0.13 -12.29 -11.17
C ILE A 6 -0.73 -11.43 -12.09
N PRO A 7 -1.89 -10.98 -11.65
CA PRO A 7 -2.76 -10.17 -12.52
C PRO A 7 -2.10 -8.86 -12.90
N LEU A 8 -2.55 -8.31 -14.02
CA LEU A 8 -2.01 -7.07 -14.57
C LEU A 8 -3.18 -6.17 -14.94
N GLY A 9 -3.16 -4.93 -14.45
CA GLY A 9 -4.26 -4.01 -14.69
C GLY A 9 -4.11 -3.31 -16.03
N VAL A 10 -5.19 -3.30 -16.81
CA VAL A 10 -5.21 -2.65 -18.11
C VAL A 10 -6.57 -1.99 -18.31
N ILE A 11 -6.59 -0.93 -19.11
CA ILE A 11 -7.80 -0.14 -19.33
C ILE A 11 -8.37 -0.48 -20.70
N HIS A 12 -9.58 -1.04 -20.70
CA HIS A 12 -10.31 -1.36 -21.92
CA HIS A 12 -10.29 -1.33 -21.94
C HIS A 12 -11.73 -0.84 -21.81
N ASN A 13 -12.21 -0.21 -22.89
CA ASN A 13 -13.58 0.32 -22.97
C ASN A 13 -13.90 1.21 -21.76
N SER A 14 -12.96 2.12 -21.45
CA SER A 14 -13.11 3.08 -20.37
C SER A 14 -13.33 2.39 -19.02
N ALA A 15 -12.67 1.26 -18.81
CA ALA A 15 -12.83 0.51 -17.57
C ALA A 15 -11.58 -0.30 -17.28
N LEU A 16 -11.21 -0.34 -16.01
CA LEU A 16 -10.08 -1.16 -15.55
C LEU A 16 -10.49 -2.63 -15.52
N GLN A 17 -9.54 -3.50 -15.84
CA GLN A 17 -9.79 -4.94 -15.77
C GLN A 17 -8.45 -5.67 -15.77
N VAL A 18 -8.50 -6.93 -15.34
CA VAL A 18 -7.32 -7.78 -15.33
C VAL A 18 -7.14 -8.40 -16.71
N SER A 19 -5.90 -8.43 -17.19
N SER A 19 -5.90 -8.40 -17.18
CA SER A 19 -5.60 -8.97 -18.50
CA SER A 19 -5.57 -9.01 -18.47
C SER A 19 -5.58 -10.49 -18.44
C SER A 19 -4.06 -9.12 -18.60
N ASP A 20 -6.34 -11.12 -19.32
N ASP A 20 -3.54 -10.33 -18.41
CA ASP A 20 -6.35 -12.58 -19.43
CA ASP A 20 -2.10 -10.56 -18.48
C ASP A 20 -5.09 -13.04 -20.16
C ASP A 20 -1.55 -10.27 -19.87
N VAL A 21 -4.32 -13.92 -19.52
N VAL A 21 -0.22 -10.39 -20.02
CA VAL A 21 -3.04 -14.34 -20.06
CA VAL A 21 0.41 -10.14 -21.30
C VAL A 21 -3.23 -15.11 -21.38
C VAL A 21 -0.07 -11.11 -22.37
N ASP A 22 -4.31 -15.88 -21.50
N ASP A 22 -0.60 -12.26 -21.97
CA ASP A 22 -4.54 -16.70 -22.68
CA ASP A 22 -1.06 -13.26 -22.92
C ASP A 22 -5.18 -15.94 -23.84
C ASP A 22 -2.53 -13.09 -23.30
N LYS A 23 -5.16 -14.61 -23.82
N LYS A 23 -3.32 -12.41 -22.48
CA LYS A 23 -5.76 -13.83 -24.90
CA LYS A 23 -4.70 -12.08 -22.80
C LYS A 23 -4.87 -12.65 -25.26
C LYS A 23 -4.83 -10.72 -23.47
N LEU A 24 -4.75 -12.40 -26.56
N LEU A 24 -3.76 -10.25 -24.12
CA LEU A 24 -3.86 -11.39 -27.12
CA LEU A 24 -3.72 -8.90 -24.68
C LEU A 24 -4.68 -10.29 -27.78
C LEU A 24 -3.90 -8.97 -26.19
N VAL A 25 -4.35 -9.04 -27.49
N VAL A 25 -4.65 -8.02 -26.73
CA VAL A 25 -4.95 -7.89 -28.17
CA VAL A 25 -4.90 -7.95 -28.16
C VAL A 25 -3.80 -7.14 -28.85
C VAL A 25 -3.76 -7.18 -28.84
N CYS A 26 -3.68 -7.31 -30.16
CA CYS A 26 -2.62 -6.64 -30.90
C CYS A 26 -2.72 -5.12 -30.86
N ARG A 27 -3.91 -4.58 -30.61
CA ARG A 27 -4.06 -3.13 -30.52
C ARG A 27 -3.43 -2.59 -29.24
N ASP A 28 -3.57 -3.34 -28.14
CA ASP A 28 -2.89 -2.98 -26.90
C ASP A 28 -1.39 -2.87 -27.13
N LYS A 29 -0.83 -1.71 -26.80
CA LYS A 29 0.55 -1.37 -27.18
C LYS A 29 1.35 -1.03 -25.93
N LEU A 30 2.55 -1.60 -25.85
CA LEU A 30 3.48 -1.36 -24.74
C LEU A 30 4.80 -0.90 -25.34
N SER A 31 5.06 0.41 -25.31
CA SER A 31 6.23 0.98 -25.95
C SER A 31 7.43 1.09 -25.03
N SER A 32 7.25 0.95 -23.72
CA SER A 32 8.34 1.15 -22.79
C SER A 32 8.00 0.49 -21.46
N THR A 33 9.06 0.15 -20.71
CA THR A 33 8.87 -0.30 -19.34
C THR A 33 8.32 0.81 -18.44
N ASN A 34 8.38 2.06 -18.90
CA ASN A 34 7.76 3.16 -18.16
C ASN A 34 6.25 2.98 -18.04
N GLN A 35 5.63 2.33 -19.03
CA GLN A 35 4.19 2.08 -18.95
C GLN A 35 3.83 1.05 -17.90
N LEU A 36 4.81 0.25 -17.45
CA LEU A 36 4.58 -0.73 -16.40
C LEU A 36 4.87 -0.11 -15.04
N ARG A 37 3.90 -0.20 -14.13
CA ARG A 37 4.01 0.44 -12.83
C ARG A 37 3.47 -0.47 -11.75
N SER A 38 4.18 -0.51 -10.62
CA SER A 38 3.73 -1.21 -9.42
C SER A 38 3.30 -0.17 -8.39
N VAL A 39 2.12 -0.35 -7.83
CA VAL A 39 1.53 0.63 -6.91
C VAL A 39 1.06 -0.10 -5.65
N GLY A 40 1.01 0.65 -4.55
CA GLY A 40 0.50 0.14 -3.30
C GLY A 40 -0.71 0.91 -2.81
N LEU A 41 -1.77 0.19 -2.47
CA LEU A 41 -3.02 0.79 -2.00
C LEU A 41 -3.24 0.42 -0.54
N ASN A 42 -3.72 1.39 0.24
CA ASN A 42 -3.87 1.20 1.68
C ASN A 42 -5.20 0.52 1.99
N LEU A 43 -5.16 -0.41 2.95
CA LEU A 43 -6.38 -1.04 3.44
C LEU A 43 -7.35 -0.01 4.01
N GLU A 44 -6.85 1.15 4.43
CA GLU A 44 -7.70 2.27 4.83
C GLU A 44 -8.79 2.54 3.79
N GLY A 45 -8.39 2.61 2.52
CA GLY A 45 -9.31 2.98 1.46
C GLY A 45 -10.44 1.99 1.20
N ASN A 46 -10.39 0.82 1.83
CA ASN A 46 -11.45 -0.18 1.68
C ASN A 46 -12.40 -0.22 2.87
N GLY A 47 -12.19 0.63 3.87
CA GLY A 47 -13.11 0.75 4.99
C GLY A 47 -12.77 -0.06 6.22
N VAL A 48 -11.54 -0.57 6.33
CA VAL A 48 -11.19 -1.37 7.51
C VAL A 48 -11.06 -0.45 8.73
N ALA A 49 -11.33 -1.03 9.90
CA ALA A 49 -11.14 -0.28 11.14
C ALA A 49 -9.66 -0.01 11.36
N THR A 50 -9.34 1.25 11.68
CA THR A 50 -7.96 1.69 11.77
C THR A 50 -7.49 1.94 13.20
N ASP A 51 -8.37 1.86 14.19
CA ASP A 51 -7.96 2.02 15.57
C ASP A 51 -6.96 0.93 15.96
N VAL A 52 -6.10 1.27 16.93
CA VAL A 52 -5.05 0.34 17.34
C VAL A 52 -5.59 -1.01 17.80
N PRO A 53 -6.62 -1.08 18.65
CA PRO A 53 -7.13 -2.40 19.05
C PRO A 53 -7.59 -3.26 17.87
N SER A 54 -8.28 -2.67 16.90
CA SER A 54 -8.75 -3.45 15.76
C SER A 54 -7.61 -3.81 14.82
N ALA A 55 -6.66 -2.89 14.62
CA ALA A 55 -5.60 -3.13 13.65
C ALA A 55 -4.64 -4.21 14.12
N THR A 56 -4.30 -4.21 15.42
CA THR A 56 -3.31 -5.17 15.92
C THR A 56 -3.83 -6.61 15.86
N LYS A 57 -5.15 -6.80 15.94
CA LYS A 57 -5.71 -8.14 15.89
C LYS A 57 -5.61 -8.76 14.50
N ARG A 58 -5.28 -7.99 13.48
CA ARG A 58 -5.06 -8.53 12.15
C ARG A 58 -3.64 -9.06 11.96
N TRP A 59 -2.79 -8.96 12.98
CA TRP A 59 -1.40 -9.37 12.90
C TRP A 59 -1.13 -10.48 13.91
N GLY A 60 -0.29 -11.43 13.53
CA GLY A 60 0.03 -12.55 14.39
C GLY A 60 1.43 -13.07 14.14
N PHE A 61 1.95 -13.77 15.14
CA PHE A 61 3.31 -14.31 15.11
C PHE A 61 3.30 -15.75 14.64
N ARG A 62 4.30 -16.10 13.82
CA ARG A 62 4.39 -17.41 13.20
C ARG A 62 5.85 -17.71 12.90
N SER A 63 6.25 -18.97 13.10
CA SER A 63 7.58 -19.43 12.78
C SER A 63 7.53 -20.37 11.58
N GLY A 64 8.69 -20.55 10.94
CA GLY A 64 8.82 -21.46 9.84
C GLY A 64 8.62 -20.86 8.45
N VAL A 65 8.21 -19.61 8.37
CA VAL A 65 7.91 -18.94 7.10
C VAL A 65 8.95 -17.84 6.90
N PRO A 66 9.85 -17.96 5.93
CA PRO A 66 10.83 -16.89 5.68
C PRO A 66 10.15 -15.63 5.19
N PRO A 67 10.58 -14.46 5.67
CA PRO A 67 9.99 -13.21 5.20
C PRO A 67 10.33 -12.95 3.73
N LYS A 68 9.46 -12.20 3.07
CA LYS A 68 9.63 -11.85 1.67
C LYS A 68 9.32 -10.38 1.46
N VAL A 69 10.00 -9.78 0.49
CA VAL A 69 9.89 -8.34 0.22
C VAL A 69 9.75 -8.14 -1.28
N VAL A 70 8.84 -7.25 -1.67
CA VAL A 70 8.65 -6.84 -3.06
C VAL A 70 8.50 -5.33 -3.09
N ASN A 71 9.07 -4.70 -4.11
CA ASN A 71 9.03 -3.25 -4.17
C ASN A 71 7.77 -2.76 -4.90
N TYR A 72 7.44 -1.50 -4.65
CA TYR A 72 6.39 -0.80 -5.38
C TYR A 72 6.85 0.64 -5.56
N GLU A 73 6.36 1.27 -6.64
CA GLU A 73 6.89 2.55 -7.06
C GLU A 73 6.06 3.74 -6.59
N ALA A 74 4.75 3.58 -6.42
CA ALA A 74 3.89 4.66 -6.00
C ALA A 74 2.96 4.17 -4.89
N GLY A 75 2.68 5.05 -3.92
CA GLY A 75 1.85 4.71 -2.80
C GLY A 75 0.80 5.79 -2.53
N GLU A 76 -0.04 5.51 -1.55
CA GLU A 76 -1.14 6.38 -1.17
C GLU A 76 -0.85 7.05 0.17
N TRP A 77 -1.17 8.34 0.27
CA TRP A 77 -1.09 9.02 1.55
C TRP A 77 -1.99 8.34 2.56
N ALA A 78 -1.41 7.99 3.71
CA ALA A 78 -2.15 7.27 4.74
C ALA A 78 -2.58 8.23 5.85
N GLU A 79 -3.75 7.94 6.41
CA GLU A 79 -4.17 8.61 7.64
C GLU A 79 -3.58 7.94 8.87
N ASN A 80 -3.59 6.61 8.90
CA ASN A 80 -3.12 5.84 10.03
C ASN A 80 -1.94 4.97 9.61
N CYS A 81 -0.85 5.09 10.34
CA CYS A 81 0.30 4.20 10.22
C CYS A 81 0.62 3.66 11.60
N TYR A 82 1.51 2.66 11.65
CA TYR A 82 1.78 1.96 12.89
C TYR A 82 3.28 1.72 13.04
N ASN A 83 3.74 1.80 14.28
CA ASN A 83 5.17 1.69 14.60
C ASN A 83 5.26 0.96 15.93
N LEU A 84 5.84 -0.25 15.91
CA LEU A 84 5.76 -1.16 17.05
C LEU A 84 7.13 -1.34 17.69
N GLU A 85 7.17 -1.28 19.02
CA GLU A 85 8.34 -1.61 19.83
C GLU A 85 7.86 -2.59 20.91
N ILE A 86 7.72 -3.86 20.54
CA ILE A 86 7.15 -4.88 21.42
C ILE A 86 8.28 -5.79 21.89
N LYS A 87 8.30 -6.06 23.19
CA LYS A 87 9.24 -6.98 23.81
C LYS A 87 8.49 -8.10 24.51
N LYS A 88 9.19 -9.19 24.79
CA LYS A 88 8.64 -10.21 25.65
C LYS A 88 8.78 -9.78 27.11
N PRO A 89 8.00 -10.38 28.02
CA PRO A 89 8.11 -9.99 29.44
C PRO A 89 9.52 -10.15 30.00
N ASP A 90 10.36 -10.99 29.41
CA ASP A 90 11.74 -11.13 29.85
C ASP A 90 12.69 -10.11 29.21
N GLY A 91 12.15 -9.15 28.45
CA GLY A 91 12.93 -8.07 27.90
C GLY A 91 13.47 -8.28 26.50
N SER A 92 13.39 -9.49 25.96
CA SER A 92 13.94 -9.76 24.63
C SER A 92 13.02 -9.19 23.55
N GLU A 93 13.61 -8.82 22.42
CA GLU A 93 12.87 -8.19 21.34
C GLU A 93 11.98 -9.19 20.62
N CYS A 94 10.77 -8.75 20.28
CA CYS A 94 9.82 -9.57 19.54
C CYS A 94 9.94 -9.37 18.04
N LEU A 95 10.38 -8.20 17.59
CA LEU A 95 10.42 -7.86 16.18
C LEU A 95 11.87 -7.65 15.74
N PRO A 96 12.20 -8.03 14.51
CA PRO A 96 13.56 -7.83 14.02
C PRO A 96 13.81 -6.38 13.64
N ALA A 97 15.08 -5.97 13.77
CA ALA A 97 15.48 -4.66 13.31
C ALA A 97 15.26 -4.55 11.80
N ALA A 98 14.96 -3.34 11.34
CA ALA A 98 14.69 -3.12 9.93
C ALA A 98 15.93 -3.44 9.11
N PRO A 99 15.81 -4.26 8.07
CA PRO A 99 16.96 -4.51 7.19
C PRO A 99 17.43 -3.23 6.53
N ASP A 100 18.68 -3.26 6.06
CA ASP A 100 19.28 -2.09 5.42
C ASP A 100 18.45 -1.69 4.20
N GLY A 101 18.12 -0.40 4.13
CA GLY A 101 17.37 0.13 3.01
C GLY A 101 15.87 0.12 3.17
N ILE A 102 15.35 -0.38 4.29
CA ILE A 102 13.92 -0.40 4.56
C ILE A 102 13.62 0.73 5.54
N ARG A 103 12.93 1.77 5.06
CA ARG A 103 12.56 2.93 5.84
C ARG A 103 11.05 2.97 6.03
N GLY A 104 10.61 3.88 6.89
CA GLY A 104 9.20 3.97 7.20
C GLY A 104 8.37 4.47 6.04
N PHE A 105 7.07 4.16 6.09
CA PHE A 105 6.13 4.64 5.10
C PHE A 105 6.19 6.17 5.04
N PRO A 106 6.29 6.77 3.85
CA PRO A 106 6.68 8.18 3.77
C PRO A 106 5.57 9.18 4.06
N ARG A 107 4.30 8.80 3.99
CA ARG A 107 3.20 9.74 4.17
C ARG A 107 2.20 9.18 5.17
N CYS A 108 2.23 9.72 6.40
CA CYS A 108 1.37 9.26 7.48
C CYS A 108 0.84 10.49 8.22
N ARG A 109 -0.49 10.64 8.25
CA ARG A 109 -1.07 11.73 9.04
C ARG A 109 -0.94 11.44 10.54
N TYR A 110 -1.20 10.20 10.94
CA TYR A 110 -1.07 9.78 12.33
C TYR A 110 -0.23 8.51 12.39
N VAL A 111 0.82 8.54 13.20
CA VAL A 111 1.66 7.37 13.44
C VAL A 111 1.35 6.85 14.83
N HIS A 112 0.69 5.70 14.89
CA HIS A 112 0.35 5.07 16.17
C HIS A 112 1.55 4.26 16.63
N LYS A 113 2.32 4.83 17.56
CA LYS A 113 3.50 4.17 18.09
C LYS A 113 3.11 3.38 19.34
N VAL A 114 3.19 2.05 19.25
CA VAL A 114 2.77 1.15 20.32
C VAL A 114 4.00 0.50 20.90
N SER A 115 4.20 0.68 22.20
CA SER A 115 5.26 0.02 22.95
C SER A 115 4.62 -0.82 24.05
N GLY A 116 5.16 -2.01 24.28
CA GLY A 116 4.61 -2.86 25.32
C GLY A 116 5.15 -4.27 25.24
N THR A 117 4.40 -5.20 25.82
CA THR A 117 4.83 -6.58 25.96
C THR A 117 3.76 -7.54 25.45
N GLY A 118 4.23 -8.74 25.09
CA GLY A 118 3.37 -9.82 24.67
C GLY A 118 4.15 -11.12 24.64
N PRO A 119 3.45 -12.25 24.52
CA PRO A 119 4.18 -13.53 24.47
C PRO A 119 4.98 -13.72 23.19
N CYS A 120 4.47 -13.24 22.06
CA CYS A 120 5.18 -13.29 20.79
C CYS A 120 5.58 -14.72 20.43
N ALA A 121 4.57 -15.58 20.29
CA ALA A 121 4.79 -17.00 20.01
C ALA A 121 5.02 -17.20 18.51
N GLY A 122 6.17 -16.71 18.05
CA GLY A 122 6.53 -16.81 16.65
C GLY A 122 7.74 -15.97 16.29
N ASP A 123 8.50 -16.40 15.27
CA ASP A 123 9.71 -15.68 14.90
C ASP A 123 9.41 -14.36 14.21
N PHE A 124 8.35 -14.30 13.42
CA PHE A 124 7.98 -13.08 12.72
C PHE A 124 6.49 -12.82 12.87
N ALA A 125 6.12 -11.56 12.74
CA ALA A 125 4.72 -11.14 12.81
C ALA A 125 4.20 -10.92 11.39
N PHE A 126 3.17 -11.68 11.02
CA PHE A 126 2.57 -11.62 9.69
C PHE A 126 1.19 -10.98 9.76
N HIS A 127 0.65 -10.67 8.59
CA HIS A 127 -0.71 -10.19 8.47
C HIS A 127 -1.65 -11.38 8.34
N LYS A 128 -2.60 -11.50 9.28
CA LYS A 128 -3.47 -12.67 9.32
C LYS A 128 -4.37 -12.78 8.10
N GLU A 129 -4.59 -11.69 7.37
CA GLU A 129 -5.45 -11.70 6.20
C GLU A 129 -4.66 -11.69 4.90
N GLY A 130 -3.35 -11.93 4.95
CA GLY A 130 -2.53 -12.02 3.76
C GLY A 130 -2.08 -10.69 3.19
N ALA A 131 -2.46 -9.57 3.79
CA ALA A 131 -2.06 -8.27 3.29
C ALA A 131 -0.57 -8.04 3.56
N PHE A 132 -0.06 -6.93 3.06
CA PHE A 132 1.34 -6.57 3.21
C PHE A 132 1.48 -5.41 4.18
N PHE A 133 2.68 -5.31 4.75
CA PHE A 133 3.08 -4.14 5.52
C PHE A 133 3.90 -3.24 4.60
N LEU A 134 3.37 -2.05 4.32
CA LEU A 134 3.97 -1.16 3.35
C LEU A 134 4.97 -0.22 4.03
N TYR A 135 6.21 -0.25 3.56
CA TYR A 135 7.26 0.65 4.01
C TYR A 135 7.56 1.63 2.87
N ASP A 136 8.78 2.18 2.88
CA ASP A 136 9.17 3.15 1.85
C ASP A 136 9.44 2.41 0.55
N ARG A 137 8.44 2.36 -0.32
CA ARG A 137 8.54 1.74 -1.65
C ARG A 137 8.95 0.27 -1.58
N LEU A 138 8.72 -0.37 -0.44
CA LEU A 138 8.98 -1.79 -0.27
C LEU A 138 7.87 -2.39 0.58
N ALA A 139 7.29 -3.47 0.09
CA ALA A 139 6.23 -4.18 0.79
C ALA A 139 6.78 -5.49 1.35
N SER A 140 6.52 -5.73 2.64
CA SER A 140 7.03 -6.92 3.31
C SER A 140 5.87 -7.73 3.88
N THR A 141 6.11 -9.04 4.05
CA THR A 141 5.15 -9.90 4.69
C THR A 141 5.22 -9.86 6.22
N VAL A 142 6.24 -9.21 6.79
CA VAL A 142 6.45 -9.20 8.22
C VAL A 142 6.63 -7.77 8.71
N ILE A 143 6.53 -7.59 10.03
CA ILE A 143 6.66 -6.30 10.69
C ILE A 143 8.08 -6.16 11.22
N TYR A 144 8.69 -5.01 10.95
CA TYR A 144 10.01 -4.70 11.48
C TYR A 144 9.90 -3.78 12.69
N ARG A 145 10.87 -3.91 13.58
CA ARG A 145 10.84 -3.18 14.85
C ARG A 145 10.99 -1.68 14.62
N GLY A 146 10.16 -0.90 15.30
CA GLY A 146 10.27 0.55 15.31
C GLY A 146 10.24 1.21 13.95
N THR A 147 9.60 0.58 12.96
CA THR A 147 9.58 1.09 11.60
C THR A 147 8.13 1.36 11.20
N THR A 148 7.86 2.59 10.78
CA THR A 148 6.50 3.00 10.46
C THR A 148 6.02 2.29 9.19
N PHE A 149 4.83 1.70 9.26
CA PHE A 149 4.25 1.00 8.12
C PHE A 149 2.76 1.30 8.02
N ALA A 150 2.22 1.09 6.83
CA ALA A 150 0.79 1.10 6.58
C ALA A 150 0.38 -0.26 6.04
N GLU A 151 -0.81 -0.72 6.43
CA GLU A 151 -1.34 -1.95 5.86
C GLU A 151 -1.80 -1.70 4.44
N GLY A 152 -1.44 -2.60 3.53
CA GLY A 152 -1.83 -2.39 2.15
C GLY A 152 -1.59 -3.60 1.27
N VAL A 153 -1.91 -3.42 -0.01
CA VAL A 153 -1.77 -4.45 -1.02
C VAL A 153 -1.20 -3.81 -2.28
N VAL A 154 -0.66 -4.65 -3.16
CA VAL A 154 0.08 -4.19 -4.35
C VAL A 154 -0.71 -4.54 -5.60
N ALA A 155 -0.66 -3.65 -6.58
CA ALA A 155 -1.23 -3.88 -7.91
C ALA A 155 -0.19 -3.60 -8.97
N PHE A 156 -0.40 -4.16 -10.16
CA PHE A 156 0.50 -3.99 -11.28
C PHE A 156 -0.30 -3.51 -12.49
N LEU A 157 0.23 -2.50 -13.18
CA LEU A 157 -0.53 -1.76 -14.17
C LEU A 157 0.24 -1.62 -15.48
N ILE A 158 -0.51 -1.53 -16.57
CA ILE A 158 -0.02 -1.02 -17.84
C ILE A 158 -0.70 0.33 -18.05
N LEU A 159 0.05 1.41 -17.88
CA LEU A 159 -0.50 2.73 -18.12
C LEU A 159 -0.74 2.94 -19.62
N PRO A 160 -1.78 3.67 -19.99
CA PRO A 160 -1.94 4.07 -21.39
C PRO A 160 -0.77 4.94 -21.83
N GLN A 161 -0.54 4.96 -23.15
CA GLN A 161 0.57 5.74 -23.69
C GLN A 161 0.42 7.22 -23.36
N ALA A 162 -0.76 7.77 -23.62
CA ALA A 162 -1.07 9.17 -23.33
C ALA A 162 -0.05 10.12 -23.93
N SER A 184 -1.77 21.68 0.13
CA SER A 184 -1.74 20.76 1.26
C SER A 184 -0.33 20.23 1.51
N GLY A 185 0.31 20.75 2.54
CA GLY A 185 1.60 20.24 2.96
C GLY A 185 1.49 18.90 3.64
N TYR A 186 2.62 18.41 4.12
CA TYR A 186 2.69 17.12 4.80
C TYR A 186 2.85 17.35 6.30
N TYR A 187 1.80 17.05 7.05
CA TYR A 187 1.82 17.11 8.50
C TYR A 187 1.71 15.70 9.05
N SER A 188 2.51 15.40 10.08
CA SER A 188 2.52 14.09 10.70
C SER A 188 2.52 14.24 12.22
N THR A 189 1.74 13.38 12.88
CA THR A 189 1.57 13.43 14.33
C THR A 189 1.72 12.03 14.91
N THR A 190 2.54 11.90 15.95
CA THR A 190 2.80 10.62 16.59
C THR A 190 1.88 10.47 17.80
N ILE A 191 1.19 9.33 17.87
CA ILE A 191 0.31 9.00 18.99
C ILE A 191 0.88 7.77 19.66
N ARG A 192 1.20 7.88 20.95
CA ARG A 192 1.93 6.85 21.67
C ARG A 192 0.99 6.03 22.55
N TYR A 193 1.24 4.72 22.60
CA TYR A 193 0.41 3.79 23.35
C TYR A 193 1.28 2.83 24.14
N GLN A 194 0.78 2.41 25.30
CA GLN A 194 1.33 1.30 26.05
CA GLN A 194 1.35 1.30 26.04
C GLN A 194 0.45 0.07 25.89
N ALA A 195 1.07 -1.10 25.88
CA ALA A 195 0.33 -2.33 25.64
C ALA A 195 0.81 -3.44 26.56
N THR A 196 -0.12 -4.28 26.99
CA THR A 196 0.18 -5.53 27.69
C THR A 196 -0.56 -6.66 27.01
N GLY A 197 0.04 -7.85 27.05
CA GLY A 197 -0.56 -8.99 26.36
C GLY A 197 -0.73 -8.76 24.88
N PHE A 198 0.27 -8.17 24.22
CA PHE A 198 0.16 -7.84 22.82
C PHE A 198 0.05 -9.10 21.97
N GLY A 199 -0.82 -9.05 20.96
CA GLY A 199 -1.01 -10.19 20.08
C GLY A 199 -1.77 -11.34 20.68
N THR A 200 -2.66 -11.07 21.64
CA THR A 200 -3.46 -12.11 22.28
C THR A 200 -4.92 -11.68 22.31
N ASN A 201 -5.76 -12.56 22.87
CA ASN A 201 -7.17 -12.25 23.05
C ASN A 201 -7.38 -11.22 24.17
N GLU A 202 -6.50 -11.20 25.16
CA GLU A 202 -6.59 -10.28 26.29
C GLU A 202 -5.46 -9.27 26.17
N THR A 203 -5.68 -8.24 25.35
CA THR A 203 -4.71 -7.17 25.15
C THR A 203 -5.30 -5.87 25.67
N GLU A 204 -4.54 -5.18 26.52
CA GLU A 204 -4.94 -3.91 27.09
C GLU A 204 -4.07 -2.79 26.51
N TYR A 205 -4.69 -1.66 26.19
CA TYR A 205 -4.00 -0.52 25.62
C TYR A 205 -4.23 0.73 26.45
N LEU A 206 -3.21 1.60 26.49
CA LEU A 206 -3.28 2.86 27.21
C LEU A 206 -2.73 3.95 26.31
N PHE A 207 -3.53 5.00 26.10
CA PHE A 207 -3.06 6.17 25.37
C PHE A 207 -2.22 7.04 26.31
N GLU A 208 -1.04 7.45 25.85
CA GLU A 208 -0.06 8.11 26.69
C GLU A 208 -0.21 9.63 26.58
N VAL A 209 -0.60 10.27 27.69
CA VAL A 209 -0.63 11.72 27.75
C VAL A 209 0.76 12.26 28.07
N ASP A 210 1.39 11.72 29.10
CA ASP A 210 2.83 11.85 29.33
C ASP A 210 3.32 10.55 29.95
N ASN A 211 4.56 10.55 30.44
CA ASN A 211 5.13 9.34 31.01
C ASN A 211 4.40 8.88 32.26
N LEU A 212 3.55 9.71 32.86
CA LEU A 212 2.85 9.36 34.08
C LEU A 212 1.33 9.50 33.97
N THR A 213 0.80 9.95 32.84
CA THR A 213 -0.62 10.17 32.66
C THR A 213 -1.09 9.37 31.45
N TYR A 214 -2.09 8.50 31.67
CA TYR A 214 -2.55 7.60 30.63
C TYR A 214 -4.07 7.56 30.61
N VAL A 215 -4.60 7.12 29.47
CA VAL A 215 -6.05 6.97 29.26
C VAL A 215 -6.30 5.56 28.76
N GLN A 216 -7.25 4.86 29.38
CA GLN A 216 -7.63 3.54 28.91
C GLN A 216 -8.23 3.65 27.52
N LEU A 217 -7.62 2.96 26.55
CA LEU A 217 -8.00 3.09 25.16
C LEU A 217 -9.12 2.11 24.81
N GLU A 218 -10.05 2.57 23.98
CA GLU A 218 -11.09 1.74 23.42
C GLU A 218 -11.13 1.94 21.91
N SER A 219 -11.70 0.95 21.22
CA SER A 219 -11.74 0.99 19.76
C SER A 219 -12.52 2.19 19.22
N ARG A 220 -13.41 2.76 20.03
CA ARG A 220 -14.23 3.88 19.56
C ARG A 220 -13.44 5.15 19.34
N PHE A 221 -12.25 5.27 19.93
CA PHE A 221 -11.51 6.52 19.94
C PHE A 221 -10.85 6.75 18.60
N THR A 222 -11.15 7.89 17.96
CA THR A 222 -10.51 8.32 16.74
C THR A 222 -9.22 9.06 17.05
N PRO A 223 -8.31 9.19 16.07
CA PRO A 223 -7.09 9.98 16.33
C PRO A 223 -7.37 11.41 16.75
N GLN A 224 -8.32 12.08 16.10
CA GLN A 224 -8.63 13.46 16.47
C GLN A 224 -9.19 13.57 17.87
N PHE A 225 -9.95 12.56 18.31
CA PHE A 225 -10.48 12.59 19.68
C PHE A 225 -9.36 12.39 20.70
N LEU A 226 -8.40 11.53 20.39
CA LEU A 226 -7.28 11.32 21.31
C LEU A 226 -6.46 12.59 21.46
N LEU A 227 -6.23 13.32 20.36
CA LEU A 227 -5.45 14.54 20.43
C LEU A 227 -6.21 15.65 21.15
N GLN A 228 -7.53 15.71 20.97
CA GLN A 228 -8.33 16.69 21.68
C GLN A 228 -8.43 16.35 23.16
N LEU A 229 -8.61 15.08 23.49
CA LEU A 229 -8.61 14.66 24.89
C LEU A 229 -7.26 14.94 25.54
N ASN A 230 -6.17 14.68 24.82
CA ASN A 230 -4.84 14.97 25.35
C ASN A 230 -4.64 16.47 25.54
N GLU A 231 -5.17 17.28 24.62
CA GLU A 231 -5.08 18.72 24.78
C GLU A 231 -5.89 19.20 25.98
N THR A 232 -7.09 18.66 26.16
CA THR A 232 -7.92 19.03 27.30
C THR A 232 -7.22 18.74 28.61
N ILE A 233 -6.55 17.59 28.71
CA ILE A 233 -5.86 17.21 29.94
C ILE A 233 -4.75 18.21 30.26
N TYR A 234 -3.99 18.61 29.25
CA TYR A 234 -2.93 19.59 29.46
C TYR A 234 -3.49 20.97 29.76
N THR A 235 -4.44 21.43 28.94
CA THR A 235 -4.95 22.79 29.08
C THR A 235 -5.88 22.97 30.28
N SER A 236 -6.28 21.88 30.94
CA SER A 236 -7.07 21.98 32.16
C SER A 236 -6.29 21.55 33.40
N GLY A 237 -5.13 20.92 33.23
CA GLY A 237 -4.27 20.59 34.35
C GLY A 237 -4.59 19.27 35.02
N LYS A 238 -4.84 18.23 34.22
CA LYS A 238 -5.23 16.93 34.75
C LYS A 238 -4.14 15.88 34.60
N ARG A 239 -2.90 16.30 34.35
CA ARG A 239 -1.79 15.38 34.39
C ARG A 239 -1.47 15.00 35.83
N SER A 240 -0.76 13.88 35.98
CA SER A 240 -0.36 13.41 37.30
C SER A 240 0.60 14.41 37.94
N ASN A 241 0.25 14.90 39.13
CA ASN A 241 1.13 15.76 39.91
C ASN A 241 1.82 15.00 41.03
N THR A 242 2.09 13.71 40.83
CA THR A 242 2.94 12.95 41.73
C THR A 242 3.96 12.18 40.92
N THR A 243 4.63 11.22 41.56
CA THR A 243 5.54 10.34 40.85
C THR A 243 4.86 9.06 40.40
N GLY A 244 3.58 8.87 40.72
CA GLY A 244 2.86 7.66 40.40
C GLY A 244 2.08 7.77 39.09
N LYS A 245 1.58 6.62 38.66
CA LYS A 245 0.90 6.51 37.37
C LYS A 245 -0.57 6.88 37.51
N LEU A 246 -1.06 7.68 36.58
CA LEU A 246 -2.45 8.14 36.58
C LEU A 246 -3.13 7.64 35.31
N ILE A 247 -4.15 6.80 35.48
CA ILE A 247 -4.89 6.22 34.36
C ILE A 247 -6.30 6.78 34.39
N TRP A 248 -6.63 7.60 33.41
CA TRP A 248 -7.97 8.12 33.24
C TRP A 248 -8.81 7.14 32.43
N LYS A 249 -10.05 6.92 32.86
CA LYS A 249 -10.99 6.09 32.12
C LYS A 249 -12.15 6.97 31.65
N VAL A 250 -12.39 6.96 30.34
CA VAL A 250 -13.55 7.66 29.78
C VAL A 250 -14.77 6.79 29.96
N ASN A 251 -15.83 7.38 30.50
CA ASN A 251 -17.05 6.62 30.72
C ASN A 251 -17.87 6.54 29.43
N PRO A 252 -18.65 5.47 29.24
CA PRO A 252 -19.30 5.24 27.94
C PRO A 252 -20.26 6.34 27.50
N GLU A 253 -20.56 7.33 28.36
CA GLU A 253 -21.48 8.38 27.96
C GLU A 253 -20.91 9.25 26.84
N ILE A 254 -19.59 9.39 26.79
CA ILE A 254 -18.94 10.27 25.83
C ILE A 254 -18.73 9.49 24.53
N ASP A 255 -19.47 9.87 23.49
CA ASP A 255 -19.36 9.21 22.21
C ASP A 255 -18.17 9.74 21.43
N THR A 256 -17.86 9.08 20.31
CA THR A 256 -16.74 9.48 19.48
C THR A 256 -16.96 9.04 18.04
N TRP A 261 -17.61 7.67 10.02
CA TRP A 261 -17.14 6.32 9.76
C TRP A 261 -15.80 6.34 9.04
N ALA A 262 -15.85 6.51 7.72
CA ALA A 262 -14.64 6.62 6.93
C ALA A 262 -14.03 8.00 7.12
N PHE A 263 -12.69 8.05 7.17
CA PHE A 263 -12.01 9.30 7.46
C PHE A 263 -12.18 10.32 6.32
N TRP A 264 -12.43 9.84 5.11
CA TRP A 264 -12.44 10.70 3.94
C TRP A 264 -13.81 11.32 3.65
N GLU A 265 -14.86 10.90 4.34
CA GLU A 265 -16.21 11.36 4.03
C GLU A 265 -16.86 12.14 5.16
N THR A 266 -16.12 12.46 6.21
CA THR A 266 -16.68 13.21 7.34
C THR A 266 -16.88 14.68 6.96
N LEU A 279 -16.89 18.25 30.25
CA LEU A 279 -16.20 17.11 30.87
C LEU A 279 -15.78 17.44 32.30
N SER A 280 -15.93 16.48 33.20
CA SER A 280 -15.54 16.63 34.59
C SER A 280 -14.61 15.48 34.98
N PHE A 281 -13.54 15.82 35.69
CA PHE A 281 -12.47 14.88 36.01
C PHE A 281 -12.51 14.57 37.50
N THR A 282 -12.67 13.29 37.84
CA THR A 282 -12.73 12.84 39.22
C THR A 282 -11.77 11.67 39.41
N VAL A 283 -11.02 11.68 40.52
CA VAL A 283 -10.16 10.57 40.89
C VAL A 283 -10.87 9.75 41.95
N VAL A 284 -10.73 8.43 41.86
CA VAL A 284 -11.44 7.53 42.77
C VAL A 284 -10.45 6.73 43.62
N UNK A 324 -0.27 3.06 41.12
CA UNK A 324 -1.51 3.07 40.34
C UNK A 324 -2.49 4.09 40.90
N UNK A 325 -3.32 4.64 40.02
CA UNK A 325 -4.32 5.64 40.42
C UNK A 325 -5.37 5.74 39.30
N UNK A 326 -6.44 4.97 39.43
CA UNK A 326 -7.51 5.01 38.46
C UNK A 326 -8.41 6.22 38.69
N UNK A 327 -9.16 6.59 37.66
CA UNK A 327 -10.02 7.76 37.72
C UNK A 327 -11.04 7.67 36.60
N UNK A 328 -11.96 8.64 36.56
CA UNK A 328 -13.02 8.66 35.57
C UNK A 328 -13.22 10.07 35.06
N UNK A 329 -13.49 10.18 33.76
CA UNK A 329 -13.72 11.47 33.08
C UNK A 329 -15.16 11.49 32.58
N UNK A 330 -15.97 12.35 33.16
CA UNK A 330 -17.38 12.45 32.78
C UNK A 330 -17.64 13.64 31.86
N GLU B 1 -10.80 -11.16 -17.41
CA GLU B 1 -11.90 -10.87 -16.50
C GLU B 1 -12.01 -9.37 -16.25
N ALA B 2 -13.19 -8.94 -15.81
CA ALA B 2 -13.41 -7.58 -15.35
C ALA B 2 -13.44 -7.55 -13.84
N ILE B 3 -13.01 -6.43 -13.27
CA ILE B 3 -12.88 -6.31 -11.82
C ILE B 3 -14.17 -5.77 -11.22
N VAL B 4 -14.55 -6.33 -10.08
CA VAL B 4 -15.75 -5.93 -9.36
C VAL B 4 -15.35 -5.61 -7.93
N ASN B 5 -15.38 -4.33 -7.57
CA ASN B 5 -15.06 -3.94 -6.21
C ASN B 5 -16.06 -4.56 -5.24
N ALA B 6 -15.56 -5.42 -4.35
CA ALA B 6 -16.38 -6.11 -3.37
C ALA B 6 -15.94 -5.77 -1.94
N GLN B 7 -15.44 -4.55 -1.75
CA GLN B 7 -14.97 -4.09 -0.45
C GLN B 7 -16.09 -3.38 0.29
N PRO B 8 -16.01 -3.32 1.63
CA PRO B 8 -17.07 -2.63 2.38
C PRO B 8 -17.21 -1.16 2.02
N LYS B 9 -16.10 -0.47 1.77
CA LYS B 9 -16.12 0.93 1.38
C LYS B 9 -15.10 1.13 0.26
N CYS B 10 -15.17 2.30 -0.37
CA CYS B 10 -14.15 2.72 -1.33
C CYS B 10 -13.90 4.20 -1.16
N ASN B 11 -12.63 4.58 -0.98
CA ASN B 11 -12.25 5.98 -1.05
C ASN B 11 -12.06 6.32 -2.53
N PRO B 12 -13.01 7.06 -3.14
CA PRO B 12 -12.94 7.27 -4.59
C PRO B 12 -11.83 8.20 -5.03
N ASN B 13 -11.14 8.85 -4.10
CA ASN B 13 -10.04 9.76 -4.40
C ASN B 13 -8.73 9.13 -3.95
N LEU B 14 -7.69 9.31 -4.77
CA LEU B 14 -6.39 8.71 -4.52
C LEU B 14 -5.35 9.82 -4.40
N HIS B 15 -4.99 10.16 -3.17
CA HIS B 15 -3.91 11.10 -2.89
C HIS B 15 -2.63 10.27 -2.85
N TYR B 16 -1.82 10.37 -3.90
CA TYR B 16 -0.70 9.46 -4.06
C TYR B 16 0.64 10.18 -3.88
N TRP B 17 1.66 9.39 -3.58
CA TRP B 17 3.04 9.83 -3.57
C TRP B 17 3.87 8.89 -4.44
N THR B 18 4.89 9.45 -5.07
CA THR B 18 5.84 8.67 -5.85
C THR B 18 7.12 9.48 -5.97
N THR B 19 8.05 8.99 -6.77
CA THR B 19 9.31 9.67 -7.03
C THR B 19 9.36 10.11 -8.49
N GLN B 20 9.79 11.35 -8.72
CA GLN B 20 10.12 11.77 -10.08
C GLN B 20 11.49 11.20 -10.38
N ASP B 21 11.52 10.11 -11.15
CA ASP B 21 12.76 9.36 -11.32
C ASP B 21 13.85 10.20 -11.95
N GLU B 22 13.48 11.12 -12.86
CA GLU B 22 14.49 11.93 -13.54
C GLU B 22 14.00 13.36 -13.75
N GLY B 23 13.18 13.87 -12.82
CA GLY B 23 12.66 15.22 -12.91
C GLY B 23 13.69 16.28 -13.25
N ALA B 24 13.26 17.35 -13.91
CA ALA B 24 14.16 18.42 -14.35
C ALA B 24 14.98 18.94 -13.19
N ALA B 25 16.22 18.45 -13.07
CA ALA B 25 17.08 18.83 -11.96
C ALA B 25 17.33 20.33 -11.96
N ILE B 26 17.40 20.90 -10.77
CA ILE B 26 17.55 22.34 -10.62
C ILE B 26 18.95 22.67 -10.09
N GLY B 27 19.86 22.96 -11.00
CA GLY B 27 21.22 23.30 -10.62
C GLY B 27 22.03 22.12 -10.12
N LEU B 28 22.33 22.10 -8.83
CA LEU B 28 23.13 21.06 -8.21
C LEU B 28 22.28 20.05 -7.44
N ALA B 29 20.95 20.14 -7.52
CA ALA B 29 20.07 19.30 -6.71
C ALA B 29 20.19 17.82 -7.04
N TRP B 30 20.74 17.47 -8.21
CA TRP B 30 20.92 16.08 -8.59
C TRP B 30 22.10 15.42 -7.89
N ILE B 31 23.06 16.21 -7.40
CA ILE B 31 24.22 15.69 -6.69
C ILE B 31 23.76 15.17 -5.33
N PRO B 32 24.04 13.90 -5.00
CA PRO B 32 23.58 13.37 -3.70
C PRO B 32 24.05 14.20 -2.51
N TYR B 33 25.27 14.74 -2.56
CA TYR B 33 25.79 15.51 -1.43
C TYR B 33 24.96 16.77 -1.20
N PHE B 34 24.46 17.38 -2.26
CA PHE B 34 23.67 18.61 -2.15
C PHE B 34 22.17 18.38 -2.21
N GLY B 35 21.72 17.22 -2.69
CA GLY B 35 20.34 16.99 -2.95
C GLY B 35 19.54 16.76 -1.68
N PRO B 36 18.26 16.47 -1.84
CA PRO B 36 17.38 16.28 -0.68
C PRO B 36 17.68 14.98 0.05
N ALA B 37 17.23 14.93 1.30
CA ALA B 37 17.33 13.73 2.11
C ALA B 37 16.23 12.74 1.69
N ALA B 38 16.19 11.59 2.37
CA ALA B 38 15.26 10.54 1.99
C ALA B 38 13.81 10.99 2.09
N GLU B 39 13.50 11.89 3.01
CA GLU B 39 12.12 12.34 3.20
C GLU B 39 11.65 13.32 2.13
N GLY B 40 12.56 13.91 1.37
CA GLY B 40 12.19 14.97 0.45
C GLY B 40 12.38 14.65 -1.02
N ILE B 41 12.28 13.37 -1.39
CA ILE B 41 12.43 12.95 -2.78
C ILE B 41 11.08 12.68 -3.43
N TYR B 42 9.99 12.98 -2.75
CA TYR B 42 8.66 12.55 -3.20
C TYR B 42 7.92 13.70 -3.88
N ILE B 43 7.19 13.36 -4.93
CA ILE B 43 6.18 14.24 -5.50
C ILE B 43 4.81 13.69 -5.12
N GLU B 44 3.79 14.51 -5.27
CA GLU B 44 2.44 14.12 -4.93
C GLU B 44 1.47 14.50 -6.04
N GLY B 45 0.32 13.83 -6.04
CA GLY B 45 -0.74 14.12 -6.99
C GLY B 45 -2.05 13.62 -6.44
N LEU B 46 -3.13 14.06 -7.06
CA LEU B 46 -4.48 13.70 -6.66
C LEU B 46 -5.25 13.19 -7.87
N MET B 47 -5.82 11.99 -7.75
CA MET B 47 -6.62 11.39 -8.81
C MET B 47 -8.03 11.14 -8.31
N HIS B 48 -9.00 11.32 -9.20
CA HIS B 48 -10.40 11.11 -8.89
C HIS B 48 -10.91 9.88 -9.64
N ASN B 49 -12.13 9.46 -9.28
CA ASN B 49 -12.68 8.18 -9.73
C ASN B 49 -13.28 8.24 -11.13
N GLN B 50 -12.63 8.93 -12.07
CA GLN B 50 -13.10 8.93 -13.45
C GLN B 50 -13.00 7.51 -14.02
N ASP B 51 -14.07 7.08 -14.70
CA ASP B 51 -14.21 5.73 -15.23
C ASP B 51 -14.12 4.67 -14.13
N GLY B 52 -14.39 5.05 -12.88
CA GLY B 52 -14.30 4.11 -11.78
C GLY B 52 -12.92 3.53 -11.57
N LEU B 53 -11.88 4.28 -11.94
CA LEU B 53 -10.53 3.73 -11.93
C LEU B 53 -10.02 3.51 -10.51
N ILE B 54 -10.36 4.41 -9.58
CA ILE B 54 -9.81 4.32 -8.23
C ILE B 54 -10.38 3.11 -7.50
N CYS B 55 -11.72 2.95 -7.50
CA CYS B 55 -12.30 1.79 -6.85
C CYS B 55 -11.93 0.50 -7.57
N GLY B 56 -11.64 0.58 -8.87
CA GLY B 56 -11.12 -0.58 -9.57
C GLY B 56 -9.70 -0.92 -9.15
N LEU B 57 -8.87 0.10 -8.94
CA LEU B 57 -7.51 -0.12 -8.49
C LEU B 57 -7.47 -0.80 -7.13
N ARG B 58 -8.34 -0.37 -6.21
CA ARG B 58 -8.35 -0.95 -4.87
C ARG B 58 -8.73 -2.43 -4.91
N GLN B 59 -9.72 -2.78 -5.73
CA GLN B 59 -10.10 -4.18 -5.87
C GLN B 59 -9.02 -4.97 -6.58
N LEU B 60 -8.35 -4.35 -7.57
CA LEU B 60 -7.29 -5.03 -8.31
C LEU B 60 -6.14 -5.41 -7.39
N ALA B 61 -5.66 -4.46 -6.59
CA ALA B 61 -4.59 -4.77 -5.64
C ALA B 61 -5.04 -5.82 -4.64
N ASN B 62 -6.31 -5.77 -4.23
CA ASN B 62 -6.85 -6.78 -3.34
C ASN B 62 -6.79 -8.17 -3.97
N GLU B 63 -7.24 -8.28 -5.24
CA GLU B 63 -7.26 -9.56 -5.93
C GLU B 63 -5.88 -10.02 -6.38
N THR B 64 -4.91 -9.11 -6.44
CA THR B 64 -3.55 -9.47 -6.83
C THR B 64 -2.81 -10.22 -5.72
N THR B 65 -3.27 -10.08 -4.47
CA THR B 65 -2.47 -10.51 -3.32
C THR B 65 -2.21 -12.00 -3.32
N GLN B 66 -3.23 -12.82 -3.61
CA GLN B 66 -3.05 -14.27 -3.57
C GLN B 66 -1.96 -14.73 -4.52
N ALA B 67 -2.04 -14.31 -5.79
CA ALA B 67 -1.02 -14.70 -6.76
C ALA B 67 0.34 -14.13 -6.39
N LEU B 68 0.37 -12.90 -5.88
CA LEU B 68 1.64 -12.29 -5.48
C LEU B 68 2.25 -13.02 -4.29
N GLN B 69 1.43 -13.37 -3.29
CA GLN B 69 1.95 -14.07 -2.13
C GLN B 69 2.49 -15.44 -2.50
N LEU B 70 1.80 -16.14 -3.41
CA LEU B 70 2.26 -17.46 -3.83
C LEU B 70 3.56 -17.36 -4.62
N PHE B 71 3.71 -16.30 -5.43
CA PHE B 71 4.97 -16.07 -6.12
C PHE B 71 6.09 -15.81 -5.13
N LEU B 72 5.82 -15.04 -4.07
CA LEU B 72 6.84 -14.74 -3.08
C LEU B 72 7.23 -15.98 -2.27
N ARG B 73 6.27 -16.88 -2.02
CA ARG B 73 6.60 -18.12 -1.33
C ARG B 73 7.54 -18.98 -2.15
N ALA B 74 7.39 -18.96 -3.47
CA ALA B 74 8.16 -19.85 -4.33
C ALA B 74 9.52 -19.28 -4.71
N THR B 75 9.76 -18.00 -4.51
CA THR B 75 11.05 -17.41 -4.84
C THR B 75 11.98 -17.45 -3.64
N THR B 76 13.29 -17.46 -3.92
CA THR B 76 14.31 -17.39 -2.90
C THR B 76 14.98 -16.03 -2.82
N GLU B 77 14.63 -15.11 -3.73
CA GLU B 77 15.07 -13.73 -3.57
C GLU B 77 14.48 -13.14 -2.31
N LEU B 78 15.33 -12.47 -1.52
CA LEU B 78 14.82 -11.78 -0.34
C LEU B 78 13.99 -10.56 -0.72
N ARG B 79 14.39 -9.86 -1.79
CA ARG B 79 13.68 -8.69 -2.28
C ARG B 79 13.51 -8.82 -3.79
N THR B 80 12.27 -8.76 -4.25
CA THR B 80 11.95 -8.97 -5.65
C THR B 80 11.75 -7.63 -6.35
N PHE B 81 12.57 -7.36 -7.36
CA PHE B 81 12.49 -6.14 -8.15
C PHE B 81 12.20 -6.38 -9.62
N SER B 82 11.99 -7.63 -10.03
CA SER B 82 12.00 -7.99 -11.46
C SER B 82 10.63 -8.38 -11.99
N ILE B 83 9.55 -8.13 -11.25
CA ILE B 83 8.22 -8.56 -11.69
C ILE B 83 7.82 -7.84 -12.97
N LEU B 84 8.02 -6.53 -13.01
CA LEU B 84 7.58 -5.75 -14.17
C LEU B 84 8.46 -6.03 -15.38
N ASN B 85 9.76 -6.24 -15.18
CA ASN B 85 10.64 -6.56 -16.29
C ASN B 85 10.26 -7.91 -16.92
N ARG B 86 9.94 -8.90 -16.09
CA ARG B 86 9.54 -10.19 -16.63
C ARG B 86 8.21 -10.10 -17.35
N LYS B 87 7.30 -9.24 -16.87
CA LYS B 87 6.03 -9.04 -17.58
C LYS B 87 6.24 -8.38 -18.93
N ALA B 88 7.22 -7.48 -19.03
CA ALA B 88 7.54 -6.89 -20.33
C ALA B 88 8.12 -7.94 -21.27
N ILE B 89 8.97 -8.83 -20.75
CA ILE B 89 9.52 -9.90 -21.57
C ILE B 89 8.42 -10.84 -22.02
N ASP B 90 7.51 -11.21 -21.12
CA ASP B 90 6.41 -12.10 -21.48
C ASP B 90 5.46 -11.43 -22.48
N PHE B 91 5.34 -10.10 -22.43
CA PHE B 91 4.58 -9.38 -23.45
C PHE B 91 5.16 -9.62 -24.83
N LEU B 92 6.49 -9.53 -24.95
CA LEU B 92 7.14 -9.71 -26.24
C LEU B 92 7.16 -11.16 -26.68
N LEU B 93 7.28 -12.10 -25.72
CA LEU B 93 7.35 -13.51 -26.09
C LEU B 93 6.02 -14.02 -26.63
N GLN B 94 4.90 -13.54 -26.08
CA GLN B 94 3.60 -14.00 -26.56
C GLN B 94 3.32 -13.51 -27.98
N ARG B 95 3.84 -12.34 -28.34
CA ARG B 95 3.65 -11.77 -29.66
C ARG B 95 4.72 -12.21 -30.65
N TRP B 96 5.98 -12.32 -30.20
CA TRP B 96 7.10 -12.51 -31.11
C TRP B 96 7.95 -13.73 -30.77
N GLY B 97 7.51 -14.57 -29.84
CA GLY B 97 8.28 -15.75 -29.47
C GLY B 97 8.23 -16.89 -30.46
N GLY B 98 7.39 -16.80 -31.48
CA GLY B 98 7.34 -17.80 -32.52
C GLY B 98 7.40 -17.17 -33.90
N THR B 99 7.00 -17.94 -34.92
CA THR B 99 6.92 -17.39 -36.27
C THR B 99 5.63 -16.61 -36.44
N CYS B 100 5.73 -15.41 -36.99
CA CYS B 100 4.58 -14.51 -37.15
C CYS B 100 3.91 -14.83 -38.48
N HIS B 101 2.80 -15.56 -38.42
CA HIS B 101 2.03 -15.88 -39.63
C HIS B 101 1.16 -14.68 -39.98
N ILE B 102 1.54 -13.95 -41.04
CA ILE B 102 0.83 -12.74 -41.41
C ILE B 102 -0.64 -13.06 -41.69
N LEU B 103 -1.51 -12.15 -41.25
CA LEU B 103 -2.97 -12.24 -41.28
C LEU B 103 -3.52 -13.26 -40.28
N GLY B 104 -2.67 -13.87 -39.47
CA GLY B 104 -3.12 -14.73 -38.41
C GLY B 104 -3.48 -13.94 -37.17
N PRO B 105 -4.28 -14.54 -36.29
CA PRO B 105 -4.74 -13.78 -35.11
C PRO B 105 -3.66 -13.51 -34.09
N ASP B 106 -2.63 -14.35 -34.03
CA ASP B 106 -1.55 -14.19 -33.05
C ASP B 106 -0.34 -13.46 -33.62
N CYS B 107 -0.45 -12.90 -34.82
CA CYS B 107 0.62 -12.13 -35.44
C CYS B 107 0.19 -10.68 -35.55
N CYS B 108 0.90 -9.80 -34.85
CA CYS B 108 0.56 -8.37 -34.81
C CYS B 108 1.30 -7.60 -35.90
N ILE B 109 1.06 -8.01 -37.14
CA ILE B 109 1.66 -7.37 -38.30
C ILE B 109 0.53 -6.91 -39.23
N GLU B 110 0.49 -5.61 -39.50
CA GLU B 110 -0.56 -5.02 -40.33
C GLU B 110 0.00 -4.70 -41.70
N PRO B 111 -0.37 -5.43 -42.75
CA PRO B 111 0.10 -5.09 -44.10
C PRO B 111 -0.86 -4.20 -44.84
N ALA B 112 -1.66 -3.42 -44.10
CA ALA B 112 -2.74 -2.64 -44.68
C ALA B 112 -2.27 -1.63 -45.71
N ASP B 113 -1.51 -0.61 -45.26
CA ASP B 113 -1.04 0.45 -46.15
C ASP B 113 -0.38 -0.09 -47.40
N TRP B 114 0.26 -1.26 -47.29
CA TRP B 114 1.11 -1.77 -48.35
C TRP B 114 0.49 -2.92 -49.14
N THR B 115 -0.61 -3.51 -48.67
CA THR B 115 -1.49 -4.20 -49.62
C THR B 115 -2.04 -3.22 -50.64
N LYS B 116 -2.35 -2.00 -50.18
CA LYS B 116 -2.68 -0.88 -51.05
C LYS B 116 -1.44 -0.24 -51.66
N ASN B 117 -0.29 -0.91 -51.59
CA ASN B 117 0.88 -0.56 -52.39
C ASN B 117 1.13 -1.55 -53.50
N ILE B 118 0.66 -2.79 -53.36
CA ILE B 118 0.70 -3.77 -54.44
C ILE B 118 -0.55 -3.66 -55.31
N THR B 119 -1.73 -3.60 -54.69
CA THR B 119 -2.99 -3.64 -55.41
C THR B 119 -3.29 -2.35 -56.17
N ASP B 120 -2.55 -1.27 -55.94
CA ASP B 120 -2.67 -0.08 -56.76
C ASP B 120 -1.53 0.07 -57.75
N LYS B 121 -0.37 -0.52 -57.46
CA LYS B 121 0.74 -0.57 -58.41
C LYS B 121 0.60 -1.72 -59.40
N ILE B 122 -0.52 -2.46 -59.36
CA ILE B 122 -0.83 -3.37 -60.45
C ILE B 122 -1.11 -2.57 -61.71
N ASP B 123 -1.64 -1.36 -61.55
CA ASP B 123 -1.95 -0.42 -62.63
C ASP B 123 -0.68 0.13 -63.31
N GLN B 124 0.51 -0.37 -63.01
CA GLN B 124 1.71 -0.02 -63.76
C GLN B 124 2.03 -1.09 -64.80
N ILE B 125 1.19 -2.13 -64.91
CA ILE B 125 1.39 -3.20 -65.88
C ILE B 125 0.06 -3.55 -66.55
N ILE B 126 -1.03 -3.53 -65.79
CA ILE B 126 -2.30 -4.03 -66.34
C ILE B 126 -2.88 -3.07 -67.37
N HIS B 127 -2.75 -1.76 -67.14
CA HIS B 127 -3.19 -0.78 -68.13
C HIS B 127 -2.05 0.05 -68.69
N ASP B 128 -0.86 0.01 -68.10
CA ASP B 128 0.34 0.33 -68.86
C ASP B 128 0.64 -0.87 -69.74
N PHE B 129 -0.28 -1.12 -70.70
CA PHE B 129 -0.41 -2.33 -71.49
C PHE B 129 -0.44 -1.98 -72.96
N VAL B 130 0.28 -0.92 -73.33
CA VAL B 130 0.12 -0.23 -74.61
C VAL B 130 0.42 -1.17 -75.78
N ASP B 131 -0.64 -1.67 -76.41
CA ASP B 131 -0.51 -2.47 -77.61
C ASP B 131 -1.23 -1.79 -78.77
C1 NAG C . -9.74 -8.46 -0.14
C2 NAG C . -8.99 -8.82 1.14
C3 NAG C . -9.77 -9.84 1.95
C4 NAG C . -11.20 -9.35 2.21
C5 NAG C . -11.86 -8.95 0.89
C6 NAG C . -13.21 -8.31 1.08
C7 NAG C . -6.55 -8.76 1.37
C8 NAG C . -5.25 -9.40 0.98
N2 NAG C . -7.65 -9.31 0.85
O3 NAG C . -9.08 -10.07 3.17
O4 NAG C . -11.99 -10.40 2.77
O5 NAG C . -11.05 -7.99 0.19
O6 NAG C . -13.10 -7.02 1.65
O7 NAG C . -6.59 -7.80 2.13
C1 NAG C . -11.81 -10.54 4.20
C2 NAG C . -13.15 -10.49 4.92
C3 NAG C . -12.95 -10.72 6.41
C4 NAG C . -12.18 -12.01 6.66
C5 NAG C . -10.89 -12.02 5.86
C6 NAG C . -10.15 -13.34 5.93
C7 NAG C . -14.95 -9.10 3.99
C8 NAG C . -15.50 -7.71 3.85
N2 NAG C . -13.81 -9.22 4.69
O3 NAG C . -14.22 -10.78 7.06
O4 NAG C . -11.88 -12.14 8.04
O5 NAG C . -11.17 -11.79 4.46
O6 NAG C . -8.78 -13.19 5.59
O7 NAG C . -15.50 -10.07 3.48
C1 BMA C . -12.65 -13.20 8.62
C2 BMA C . -11.80 -13.86 9.73
C3 BMA C . -12.63 -14.91 10.47
C4 BMA C . -13.97 -14.34 10.94
C5 BMA C . -14.72 -13.70 9.75
C6 BMA C . -16.01 -13.02 10.18
O2 BMA C . -11.40 -12.90 10.69
O3 BMA C . -11.91 -15.44 11.58
O4 BMA C . -14.77 -15.38 11.50
O5 BMA C . -13.87 -12.70 9.15
O6 BMA C . -15.66 -11.85 10.93
C1 MAN C . -16.80 -11.14 11.51
C2 MAN C . -17.63 -12.16 12.46
C3 MAN C . -19.00 -12.57 11.90
C4 MAN C . -19.69 -11.41 11.21
C5 MAN C . -18.84 -11.03 10.01
C6 MAN C . -19.50 -10.00 9.11
O2 MAN C . -17.91 -11.56 13.73
O3 MAN C . -19.84 -13.11 12.91
O4 MAN C . -20.98 -11.80 10.76
O5 MAN C . -17.59 -10.45 10.48
O6 MAN C . -18.54 -9.57 8.16
C1 NAG D . -0.73 16.60 24.19
C2 NAG D . 0.11 16.45 22.92
C3 NAG D . 1.45 17.16 23.09
C4 NAG D . 1.24 18.61 23.51
C5 NAG D . 0.37 18.66 24.76
C6 NAG D . 0.02 20.07 25.18
C7 NAG D . 0.15 14.58 21.34
C8 NAG D . 0.39 13.11 21.17
N2 NAG D . 0.30 15.05 22.57
O3 NAG D . 2.19 17.10 21.87
O4 NAG D . 2.49 19.22 23.78
O5 NAG D . -0.88 17.99 24.52
O6 NAG D . -0.10 20.93 24.05
O7 NAG D . -0.17 15.31 20.40
C1 NAG E . -9.16 -15.92 24.39
C2 NAG E . -9.07 -17.40 24.03
C3 NAG E . -10.45 -17.95 23.70
C4 NAG E . -11.42 -17.67 24.85
C5 NAG E . -11.42 -16.18 25.14
C6 NAG E . -12.29 -15.80 26.31
C7 NAG E . -7.34 -18.67 22.82
C8 NAG E . -6.47 -18.72 21.60
N2 NAG E . -8.16 -17.61 22.92
O3 NAG E . -10.36 -19.35 23.50
O4 NAG E . -12.74 -18.07 24.48
O5 NAG E . -10.08 -15.75 25.46
O6 NAG E . -13.67 -16.00 26.01
O7 NAG E . -7.29 -19.52 23.69
C1 NAG F . 9.08 9.57 28.42
C2 NAG F . 10.31 10.46 28.63
C3 NAG F . 11.35 10.22 27.54
C4 NAG F . 11.69 8.73 27.45
C5 NAG F . 10.41 7.92 27.26
C6 NAG F . 10.66 6.43 27.26
C7 NAG F . 10.15 12.64 29.74
C8 NAG F . 9.69 14.06 29.63
N2 NAG F . 9.94 11.86 28.68
O3 NAG F . 12.52 10.96 27.82
O4 NAG F . 12.56 8.50 26.35
O5 NAG F . 9.50 8.19 28.33
O6 NAG F . 11.30 6.01 28.46
O7 NAG F . 10.70 12.21 30.76
C1 NAG G . -3.30 17.46 41.19
C2 NAG G . -3.77 18.58 40.22
C3 NAG G . -5.20 18.36 39.75
C4 NAG G . -5.39 16.94 39.22
C5 NAG G . -5.05 15.98 40.34
C6 NAG G . -5.21 14.54 39.94
C7 NAG G . -2.90 20.88 40.33
C8 NAG G . -2.87 22.16 41.11
N2 NAG G . -3.64 19.89 40.83
O3 NAG G . -5.50 19.31 38.73
O4 NAG G . -6.72 16.74 38.78
O5 NAG G . -3.66 16.16 40.67
O6 NAG G . -5.06 13.67 41.06
O7 NAG G . -2.28 20.75 39.28
S DMS H . 13.92 -10.76 17.00
O DMS H . 13.00 -11.79 16.42
C1 DMS H . 14.79 -11.48 18.43
C2 DMS H . 15.33 -10.51 15.89
C1 GOL I . 12.43 -17.81 9.18
O1 GOL I . 13.08 -17.54 7.98
C2 GOL I . 11.97 -19.28 9.13
O2 GOL I . 12.79 -20.05 8.32
C3 GOL I . 11.99 -19.76 10.60
O3 GOL I . 11.05 -18.99 11.28
C1 GOL J . 7.13 9.88 7.94
O1 GOL J . 6.69 11.01 8.62
C2 GOL J . 6.62 8.65 8.73
O2 GOL J . 7.18 7.46 8.27
C3 GOL J . 7.00 8.94 10.20
O3 GOL J . 7.18 7.71 10.83
C1 GOL K . -4.23 0.46 -21.85
O1 GOL K . -3.81 0.42 -20.51
C2 GOL K . -3.13 -0.23 -22.68
O2 GOL K . -3.65 -0.91 -23.76
C3 GOL K . -2.19 0.92 -23.11
O3 GOL K . -2.12 0.88 -24.51
FAA 8PR L . 4.81 4.87 -10.16
CAB 8PR L . 2.67 5.03 -11.24
CAC 8PR L . 4.15 6.91 -11.13
CAD 8PR L . -1.54 5.25 -9.88
CAE 8PR L . 1.75 5.80 -11.94
CAF 8PR L . 3.22 7.68 -11.83
CAG 8PR L . -1.97 4.29 -8.99
CAH 8PR L . -0.38 6.38 -8.11
CAI 8PR L . 0.49 9.51 -14.87
CAJ 8PR L . 1.45 8.53 -14.20
CAK 8PR L . -0.78 9.77 -12.76
CAL 8PR L . -1.13 4.01 -5.43
CAM 8PR L . -0.84 7.84 -11.21
NAN 8PR L . -0.07 10.49 -13.87
OAO 8PR L . -0.17 7.42 -10.06
OAP 8PR L . -1.88 3.54 -6.52
OAQ 8PR L . -0.59 5.25 -5.81
CAR 8PR L . 3.86 5.58 -10.84
CAS 8PR L . -0.74 6.31 -9.44
CAT 8PR L . 2.03 7.12 -12.23
CAU 8PR L . -1.59 4.37 -7.63
CAV 8PR L . -0.81 5.41 -7.20
CAW 8PR L . 0.09 8.72 -12.07
CAX 8PR L . 0.85 7.82 -13.03
C1 GOL M . -7.19 -12.99 -2.74
O1 GOL M . -6.11 -12.25 -3.22
C2 GOL M . -7.78 -12.20 -1.54
O2 GOL M . -7.62 -10.84 -1.69
C3 GOL M . -9.27 -12.62 -1.51
O3 GOL M . -9.75 -12.30 -0.24
C1 GOL N . -7.65 13.94 -1.11
O1 GOL N . -6.66 14.53 -0.32
C2 GOL N . -8.48 13.04 -0.16
O2 GOL N . -9.85 13.18 -0.40
C3 GOL N . -7.99 11.59 -0.43
O3 GOL N . -8.60 10.78 0.53
#